data_4GXJ
#
_entry.id   4GXJ
#
_cell.length_a   55.084
_cell.length_b   77.432
_cell.length_c   55.125
_cell.angle_alpha   90.00
_cell.angle_beta   114.45
_cell.angle_gamma   90.00
#
_symmetry.space_group_name_H-M   'P 1 21 1'
#
loop_
_entity.id
_entity.type
_entity.pdbx_description
1 polymer 'DNA polymerase beta'
2 polymer "DNA (5'-D(P*GP*TP*CP*GP*G)-3')"
3 polymer "DNA (5'-D(*GP*CP*TP*GP*AP*TP*GP*CP*GP*A)-3')"
4 polymer "DNA (5'-D(*CP*CP*GP*AP*CP*(8OG)P*TP*CP*GP*CP*AP*TP*CP*AP*GP*C)-3')"
5 non-polymer "2'-deoxy-5'-O-[(S)-{difluoro[(S)-hydroxy(phosphonooxy)phosphoryl]methyl}(hydroxy)phosphoryl]cytidine"
6 non-polymer 'MANGANESE (II) ION'
7 non-polymer 'SODIUM ION'
8 water water
#
loop_
_entity_poly.entity_id
_entity_poly.type
_entity_poly.pdbx_seq_one_letter_code
_entity_poly.pdbx_strand_id
1 'polypeptide(L)'
;MSKRKAPQETLNGGITDMLTELANFEKNVSQAIHKYNAYRKAASVIAKYPHKIKSGAEAKKLPGVGTKIAEKIDEFLATG
KLRKLEKIRQDDTSSSINFLTRVSGIGPSAARKFVDEGIKTLEDLRKNEDKLNHHQRIGLKYFGDFEKRIPREEMLQMQD
IVLNEVKKVDSEYIATVCGSFRRGAESSGDMDVLLTHPSFTSESTKQPKLLHQVVEQLQKVHFITDTLSKGETKFMGVCQ
LPSKNDEKEYPHRRIDIRLIPKDQYYCGVLYFTGSDIFNKNMKAHALEKGFTINEYTIRPLGVTGVAGEPLPVDSEKDIF
DYIQWKYREPKDRSE
;
A
2 'polydeoxyribonucleotide' (DG)(DT)(DC)(DG)(DG) D
3 'polydeoxyribonucleotide' (DG)(DC)(DT)(DG)(DA)(DT)(DG)(DC)(DG)(DA) P
4 'polydeoxyribonucleotide' (DC)(DC)(DG)(DA)(DC)(8OG)(DT)(DC)(DG)(DC)(DA)(DT)(DC)(DA)(DG)(DC) T
#
loop_
_chem_comp.id
_chem_comp.type
_chem_comp.name
_chem_comp.formula
6CF non-polymer 2'-deoxy-5'-O-[(S)-{difluoro[(S)-hydroxy(phosphonooxy)phosphoryl]methyl}(hydroxy)phosphoryl]cytidine 'C10 H16 F2 N3 O12 P3'
8OG DNA linking 8-OXO-2'-DEOXY-GUANOSINE-5'-MONOPHOSPHATE 'C10 H14 N5 O8 P'
DA DNA linking 2'-DEOXYADENOSINE-5'-MONOPHOSPHATE 'C10 H14 N5 O6 P'
DC DNA linking 2'-DEOXYCYTIDINE-5'-MONOPHOSPHATE 'C9 H14 N3 O7 P'
DG DNA linking 2'-DEOXYGUANOSINE-5'-MONOPHOSPHATE 'C10 H14 N5 O7 P'
DT DNA linking THYMIDINE-5'-MONOPHOSPHATE 'C10 H15 N2 O8 P'
MN non-polymer 'MANGANESE (II) ION' 'Mn 2'
NA non-polymer 'SODIUM ION' 'Na 1'
#
# COMPACT_ATOMS: atom_id res chain seq x y z
N THR A 10 -17.99 -7.22 -4.60
CA THR A 10 -18.68 -6.78 -5.80
C THR A 10 -20.09 -6.28 -5.48
N LEU A 11 -20.63 -6.80 -4.39
CA LEU A 11 -22.00 -6.59 -3.97
C LEU A 11 -22.42 -5.14 -4.02
N ASN A 12 -21.57 -4.26 -3.53
CA ASN A 12 -21.81 -2.81 -3.58
C ASN A 12 -20.68 -2.07 -4.30
N GLY A 13 -20.21 -2.65 -5.40
CA GLY A 13 -19.08 -2.10 -6.11
C GLY A 13 -19.30 -0.71 -6.66
N GLY A 14 -20.51 -0.43 -7.11
CA GLY A 14 -20.80 0.87 -7.69
C GLY A 14 -20.47 1.97 -6.72
N ILE A 15 -21.05 1.87 -5.53
CA ILE A 15 -20.79 2.85 -4.49
C ILE A 15 -19.30 2.94 -4.19
N THR A 16 -18.69 1.81 -3.80
CA THR A 16 -17.31 1.85 -3.31
C THR A 16 -16.32 2.34 -4.38
N ASP A 17 -16.50 1.90 -5.62
CA ASP A 17 -15.74 2.47 -6.73
C ASP A 17 -15.88 4.01 -6.74
N MET A 18 -17.10 4.51 -6.66
CA MET A 18 -17.27 5.96 -6.73
C MET A 18 -16.63 6.68 -5.52
N LEU A 19 -16.74 6.09 -4.33
CA LEU A 19 -16.08 6.64 -3.13
C LEU A 19 -14.55 6.65 -3.25
N THR A 20 -14.02 5.59 -3.86
CA THR A 20 -12.59 5.46 -4.01
C THR A 20 -12.10 6.51 -4.98
N GLU A 21 -12.88 6.77 -6.02
CA GLU A 21 -12.55 7.79 -7.03
C GLU A 21 -12.56 9.19 -6.39
N LEU A 22 -13.60 9.47 -5.62
CA LEU A 22 -13.66 10.73 -4.86
C LEU A 22 -12.47 10.85 -3.91
N ALA A 23 -12.14 9.76 -3.24
CA ALA A 23 -10.97 9.71 -2.33
C ALA A 23 -9.72 10.16 -3.08
N ASN A 24 -9.53 9.58 -4.27
CA ASN A 24 -8.33 9.88 -5.05
C ASN A 24 -8.29 11.33 -5.51
N PHE A 25 -9.44 11.87 -5.92
CA PHE A 25 -9.53 13.27 -6.32
C PHE A 25 -9.12 14.16 -5.16
N GLU A 26 -9.67 13.89 -3.97
CA GLU A 26 -9.34 14.66 -2.78
C GLU A 26 -7.85 14.58 -2.48
N LYS A 27 -7.25 13.40 -2.60
CA LYS A 27 -5.80 13.31 -2.36
C LYS A 27 -4.96 13.99 -3.44
N ASN A 28 -5.18 13.62 -4.71
CA ASN A 28 -4.33 14.10 -5.79
C ASN A 28 -4.54 15.57 -6.14
N VAL A 29 -5.80 15.97 -6.23
CA VAL A 29 -6.14 17.32 -6.69
C VAL A 29 -6.26 18.33 -5.53
N SER A 30 -7.23 18.09 -4.63
CA SER A 30 -7.50 18.97 -3.48
C SER A 30 -6.41 18.95 -2.42
N GLN A 31 -5.55 17.94 -2.46
CA GLN A 31 -4.52 17.81 -1.45
C GLN A 31 -5.10 17.86 -0.04
N ALA A 32 -6.30 17.30 0.12
CA ALA A 32 -6.96 17.18 1.43
C ALA A 32 -6.90 15.74 1.97
N ILE A 33 -5.79 15.40 2.63
CA ILE A 33 -5.53 14.02 3.01
C ILE A 33 -6.62 13.41 3.85
N HIS A 34 -7.21 14.20 4.74
CA HIS A 34 -8.18 13.67 5.68
C HIS A 34 -9.50 13.39 5.01
N LYS A 35 -9.84 14.20 4.02
CA LYS A 35 -11.00 13.89 3.19
C LYS A 35 -10.77 12.59 2.42
N TYR A 36 -9.55 12.42 1.91
CA TYR A 36 -9.15 11.16 1.29
C TYR A 36 -9.46 10.05 2.27
N ASN A 37 -8.88 10.16 3.46
CA ASN A 37 -9.10 9.18 4.52
C ASN A 37 -10.58 8.90 4.80
N ALA A 38 -11.42 9.93 4.71
CA ALA A 38 -12.84 9.79 5.04
C ALA A 38 -13.57 8.94 4.01
N TYR A 39 -13.31 9.22 2.73
CA TYR A 39 -13.95 8.48 1.67
C TYR A 39 -13.51 7.03 1.73
N ARG A 40 -12.22 6.81 1.96
CA ARG A 40 -11.71 5.44 1.99
C ARG A 40 -12.37 4.68 3.14
N LYS A 41 -12.54 5.35 4.28
CA LYS A 41 -13.22 4.75 5.42
C LYS A 41 -14.66 4.37 5.05
N ALA A 42 -15.43 5.33 4.56
CA ALA A 42 -16.77 5.03 4.08
C ALA A 42 -16.73 3.82 3.16
N ALA A 43 -15.86 3.86 2.14
CA ALA A 43 -15.80 2.78 1.15
C ALA A 43 -15.53 1.43 1.84
N SER A 44 -14.60 1.43 2.79
CA SER A 44 -14.25 0.24 3.54
C SER A 44 -15.44 -0.32 4.30
N VAL A 45 -16.12 0.56 5.05
CA VAL A 45 -17.31 0.17 5.83
C VAL A 45 -18.38 -0.41 4.91
N ILE A 46 -18.63 0.26 3.79
CA ILE A 46 -19.65 -0.19 2.85
C ILE A 46 -19.29 -1.52 2.17
N ALA A 47 -18.00 -1.83 2.10
CA ALA A 47 -17.57 -3.07 1.47
C ALA A 47 -17.75 -4.24 2.45
N LYS A 48 -17.82 -3.93 3.73
CA LYS A 48 -18.01 -4.93 4.77
C LYS A 48 -19.49 -5.14 5.06
N TYR A 49 -20.36 -4.36 4.40
CA TYR A 49 -21.79 -4.42 4.65
C TYR A 49 -22.41 -5.57 3.88
N PRO A 50 -23.03 -6.52 4.62
CA PRO A 50 -23.56 -7.78 4.09
C PRO A 50 -24.80 -7.63 3.22
N HIS A 51 -25.49 -6.52 3.32
CA HIS A 51 -26.71 -6.32 2.55
C HIS A 51 -26.46 -5.49 1.30
N LYS A 52 -27.46 -5.40 0.42
CA LYS A 52 -27.37 -4.54 -0.76
C LYS A 52 -27.93 -3.17 -0.43
N ILE A 53 -27.17 -2.11 -0.66
CA ILE A 53 -27.62 -0.78 -0.23
C ILE A 53 -28.72 -0.20 -1.11
N LYS A 54 -29.90 0.02 -0.52
CA LYS A 54 -31.06 0.46 -1.30
C LYS A 54 -31.31 1.97 -1.26
N SER A 55 -30.73 2.66 -0.28
CA SER A 55 -30.86 4.11 -0.17
C SER A 55 -29.64 4.70 0.53
N GLY A 56 -29.48 6.02 0.47
CA GLY A 56 -28.40 6.69 1.17
C GLY A 56 -28.59 6.61 2.67
N ALA A 57 -29.86 6.66 3.10
CA ALA A 57 -30.17 6.60 4.52
C ALA A 57 -29.78 5.24 5.09
N GLU A 58 -29.91 4.19 4.29
CA GLU A 58 -29.49 2.87 4.74
C GLU A 58 -27.98 2.87 4.89
N ALA A 59 -27.30 3.60 4.00
CA ALA A 59 -25.86 3.76 4.07
C ALA A 59 -25.47 4.60 5.30
N LYS A 60 -26.20 5.69 5.51
CA LYS A 60 -25.88 6.62 6.60
C LYS A 60 -25.90 5.96 7.99
N LYS A 61 -26.59 4.83 8.13
CA LYS A 61 -26.55 4.08 9.38
C LYS A 61 -25.12 3.67 9.74
N LEU A 62 -24.33 3.29 8.74
CA LEU A 62 -22.93 2.86 8.94
C LEU A 62 -22.05 4.01 9.42
N PRO A 63 -21.08 3.70 10.30
CA PRO A 63 -20.09 4.67 10.80
C PRO A 63 -19.07 5.00 9.72
N GLY A 64 -18.87 6.29 9.46
CA GLY A 64 -17.95 6.73 8.43
C GLY A 64 -18.72 7.32 7.27
N VAL A 65 -19.98 6.90 7.15
CA VAL A 65 -20.88 7.40 6.14
C VAL A 65 -21.77 8.46 6.75
N GLY A 66 -21.54 9.70 6.35
CA GLY A 66 -22.30 10.82 6.89
C GLY A 66 -23.31 11.40 5.92
N THR A 67 -23.64 12.67 6.13
CA THR A 67 -24.71 13.32 5.40
C THR A 67 -24.35 13.40 3.93
N LYS A 68 -23.22 14.04 3.65
CA LYS A 68 -22.78 14.28 2.29
C LYS A 68 -22.70 12.97 1.47
N ILE A 69 -21.99 11.98 1.98
CA ILE A 69 -21.86 10.72 1.24
C ILE A 69 -23.25 10.14 0.98
N ALA A 70 -24.10 10.16 2.01
CA ALA A 70 -25.49 9.72 1.88
C ALA A 70 -26.17 10.37 0.68
N GLU A 71 -26.02 11.68 0.53
CA GLU A 71 -26.54 12.37 -0.65
C GLU A 71 -25.92 11.81 -1.93
N LYS A 72 -24.60 11.66 -1.91
CA LYS A 72 -23.94 11.19 -3.12
C LYS A 72 -24.38 9.78 -3.49
N ILE A 73 -24.72 8.98 -2.47
CA ILE A 73 -25.25 7.65 -2.73
C ILE A 73 -26.66 7.69 -3.32
N ASP A 74 -27.49 8.59 -2.80
CA ASP A 74 -28.83 8.78 -3.33
C ASP A 74 -28.77 9.13 -4.81
N GLU A 75 -27.96 10.12 -5.16
CA GLU A 75 -27.78 10.51 -6.55
C GLU A 75 -27.27 9.36 -7.41
N PHE A 76 -26.32 8.58 -6.87
CA PHE A 76 -25.74 7.48 -7.63
C PHE A 76 -26.74 6.36 -7.92
N LEU A 77 -27.59 6.03 -6.95
CA LEU A 77 -28.57 4.98 -7.15
C LEU A 77 -29.75 5.44 -8.00
N ALA A 78 -29.89 6.75 -8.13
CA ALA A 78 -30.99 7.32 -8.92
C ALA A 78 -30.56 7.56 -10.37
N THR A 79 -29.36 8.11 -10.55
CA THR A 79 -28.88 8.48 -11.88
C THR A 79 -27.96 7.44 -12.51
N GLY A 80 -27.24 6.69 -11.68
CA GLY A 80 -26.28 5.72 -12.16
C GLY A 80 -24.88 6.31 -12.22
N LYS A 81 -24.81 7.63 -12.05
CA LYS A 81 -23.55 8.35 -12.13
C LYS A 81 -23.49 9.36 -11.00
N LEU A 82 -22.45 10.19 -11.00
CA LEU A 82 -22.29 11.23 -10.00
C LEU A 82 -21.92 12.54 -10.71
N ARG A 83 -22.62 13.62 -10.38
CA ARG A 83 -22.40 14.90 -11.04
C ARG A 83 -20.98 15.42 -10.76
N LYS A 84 -20.57 15.33 -9.50
CA LYS A 84 -19.29 15.86 -9.06
C LYS A 84 -18.14 15.24 -9.83
N LEU A 85 -18.20 13.93 -10.05
CA LEU A 85 -17.13 13.24 -10.75
C LEU A 85 -17.05 13.59 -12.24
N GLU A 86 -18.19 13.58 -12.94
CA GLU A 86 -18.17 13.92 -14.36
C GLU A 86 -17.51 15.28 -14.55
N LYS A 87 -17.82 16.23 -13.66
CA LYS A 87 -17.11 17.50 -13.63
C LYS A 87 -15.60 17.25 -13.59
N ILE A 88 -15.15 16.51 -12.59
CA ILE A 88 -13.73 16.23 -12.40
C ILE A 88 -13.14 15.66 -13.69
N ARG A 89 -13.79 14.63 -14.20
CA ARG A 89 -13.33 13.89 -15.37
C ARG A 89 -13.15 14.76 -16.60
N GLN A 90 -14.07 15.71 -16.77
CA GLN A 90 -14.07 16.58 -17.95
C GLN A 90 -13.20 17.84 -17.75
N ASP A 91 -12.78 18.05 -16.50
CA ASP A 91 -11.89 19.17 -16.18
C ASP A 91 -10.43 18.82 -16.53
N ASP A 92 -9.79 19.68 -17.33
CA ASP A 92 -8.46 19.39 -17.86
C ASP A 92 -7.42 19.26 -16.75
N THR A 93 -7.33 20.30 -15.92
CA THR A 93 -6.38 20.34 -14.84
C THR A 93 -6.52 19.10 -13.96
N SER A 94 -7.69 18.94 -13.37
CA SER A 94 -7.97 17.81 -12.47
C SER A 94 -7.70 16.45 -13.10
N SER A 95 -8.24 16.23 -14.29
CA SER A 95 -7.99 14.97 -14.99
C SER A 95 -6.49 14.79 -15.24
N SER A 96 -5.80 15.89 -15.53
CA SER A 96 -4.35 15.85 -15.80
C SER A 96 -3.55 15.52 -14.54
N ILE A 97 -3.91 16.17 -13.43
CA ILE A 97 -3.22 15.92 -12.17
C ILE A 97 -3.38 14.45 -11.77
N ASN A 98 -4.62 13.97 -11.81
CA ASN A 98 -4.94 12.58 -11.50
C ASN A 98 -4.14 11.60 -12.34
N PHE A 99 -4.00 11.90 -13.62
CA PHE A 99 -3.26 10.97 -14.44
C PHE A 99 -1.79 10.94 -14.05
N LEU A 100 -1.18 12.11 -13.90
CA LEU A 100 0.26 12.18 -13.59
C LEU A 100 0.61 11.42 -12.29
N THR A 101 -0.22 11.54 -11.26
CA THR A 101 0.09 10.89 -9.98
C THR A 101 0.18 9.38 -10.11
N ARG A 102 -0.39 8.83 -11.19
CA ARG A 102 -0.23 7.41 -11.51
C ARG A 102 1.23 7.04 -11.74
N VAL A 103 2.09 8.04 -11.94
CA VAL A 103 3.51 7.76 -12.04
C VAL A 103 4.14 7.66 -10.63
N SER A 104 4.80 6.54 -10.34
CA SER A 104 5.46 6.40 -9.06
C SER A 104 6.51 7.51 -8.90
N GLY A 105 6.45 8.21 -7.77
CA GLY A 105 7.39 9.27 -7.50
C GLY A 105 6.80 10.64 -7.78
N ILE A 106 5.71 10.69 -8.55
CA ILE A 106 4.97 11.94 -8.77
C ILE A 106 3.70 11.95 -7.90
N GLY A 107 3.66 12.83 -6.91
CA GLY A 107 2.47 12.94 -6.08
C GLY A 107 1.63 14.16 -6.44
N PRO A 108 0.75 14.56 -5.52
CA PRO A 108 -0.17 15.68 -5.72
C PRO A 108 0.60 16.97 -6.01
N SER A 109 1.73 17.20 -5.33
CA SER A 109 2.41 18.49 -5.51
C SER A 109 3.18 18.57 -6.83
N ALA A 110 4.04 17.60 -7.11
CA ALA A 110 4.75 17.62 -8.40
C ALA A 110 3.77 17.55 -9.58
N ALA A 111 2.72 16.74 -9.44
CA ALA A 111 1.76 16.63 -10.53
C ALA A 111 1.21 18.01 -10.85
N ARG A 112 0.72 18.71 -9.84
CA ARG A 112 0.15 20.04 -10.02
C ARG A 112 1.17 21.02 -10.60
N LYS A 113 2.43 20.86 -10.22
CA LYS A 113 3.47 21.76 -10.72
C LYS A 113 3.79 21.48 -12.18
N PHE A 114 3.84 20.20 -12.55
CA PHE A 114 4.01 19.85 -13.95
C PHE A 114 2.91 20.48 -14.77
N VAL A 115 1.68 20.20 -14.37
CA VAL A 115 0.50 20.70 -15.07
C VAL A 115 0.51 22.21 -15.22
N ASP A 116 0.81 22.93 -14.14
CA ASP A 116 0.86 24.39 -14.21
C ASP A 116 1.86 24.86 -15.26
N GLU A 117 2.80 23.99 -15.63
CA GLU A 117 3.79 24.34 -16.65
C GLU A 117 3.60 23.57 -17.97
N GLY A 118 2.41 23.03 -18.17
CA GLY A 118 2.09 22.37 -19.41
C GLY A 118 2.45 20.89 -19.54
N ILE A 119 3.22 20.35 -18.60
CA ILE A 119 3.54 18.92 -18.67
C ILE A 119 2.38 18.06 -18.12
N LYS A 120 1.60 17.46 -19.02
CA LYS A 120 0.34 16.82 -18.66
C LYS A 120 0.05 15.41 -19.24
N THR A 121 0.96 14.87 -20.04
CA THR A 121 0.78 13.50 -20.56
C THR A 121 2.04 12.68 -20.39
N LEU A 122 2.02 11.41 -20.78
CA LEU A 122 3.24 10.62 -20.72
C LEU A 122 4.31 11.22 -21.62
N GLU A 123 3.97 11.45 -22.89
CA GLU A 123 4.89 12.10 -23.83
C GLU A 123 5.58 13.31 -23.22
N ASP A 124 4.82 14.16 -22.54
CA ASP A 124 5.39 15.38 -21.97
C ASP A 124 6.45 15.05 -20.95
N LEU A 125 6.19 13.99 -20.18
CA LEU A 125 7.18 13.56 -19.21
C LEU A 125 8.42 13.10 -19.98
N ARG A 126 8.24 12.36 -21.07
CA ARG A 126 9.39 11.92 -21.89
C ARG A 126 10.13 13.12 -22.49
N LYS A 127 9.37 14.08 -23.01
CA LYS A 127 9.91 15.33 -23.54
C LYS A 127 10.73 16.06 -22.48
N ASN A 128 10.42 15.80 -21.22
CA ASN A 128 11.04 16.53 -20.11
C ASN A 128 11.74 15.66 -19.07
N GLU A 129 12.35 14.56 -19.50
CA GLU A 129 13.06 13.69 -18.56
C GLU A 129 13.93 14.52 -17.61
N ASP A 130 14.53 15.58 -18.15
CA ASP A 130 15.43 16.44 -17.38
C ASP A 130 14.81 16.94 -16.06
N LYS A 131 13.48 17.06 -16.03
CA LYS A 131 12.81 17.63 -14.87
C LYS A 131 12.33 16.59 -13.83
N LEU A 132 12.67 15.33 -14.03
CA LEU A 132 12.23 14.28 -13.12
C LEU A 132 13.39 13.80 -12.27
N ASN A 133 13.17 13.59 -10.97
CA ASN A 133 14.19 12.94 -10.15
C ASN A 133 14.36 11.49 -10.55
N HIS A 134 15.30 10.79 -9.90
CA HIS A 134 15.62 9.43 -10.30
C HIS A 134 14.40 8.52 -10.16
N HIS A 135 13.74 8.62 -9.01
CA HIS A 135 12.60 7.76 -8.70
C HIS A 135 11.48 7.99 -9.72
N GLN A 136 11.24 9.25 -10.06
CA GLN A 136 10.22 9.58 -11.07
C GLN A 136 10.57 8.99 -12.46
N ARG A 137 11.83 9.17 -12.87
CA ARG A 137 12.30 8.59 -14.11
C ARG A 137 12.03 7.10 -14.15
N ILE A 138 12.25 6.42 -13.02
CA ILE A 138 11.99 4.97 -12.97
C ILE A 138 10.49 4.67 -13.01
N GLY A 139 9.68 5.53 -12.40
CA GLY A 139 8.24 5.38 -12.49
C GLY A 139 7.78 5.55 -13.94
N LEU A 140 8.43 6.46 -14.66
CA LEU A 140 8.13 6.66 -16.07
C LEU A 140 8.52 5.39 -16.84
N LYS A 141 9.80 5.04 -16.75
CA LYS A 141 10.36 3.87 -17.42
C LYS A 141 9.48 2.62 -17.32
N TYR A 142 8.83 2.42 -16.18
CA TYR A 142 8.06 1.20 -15.98
C TYR A 142 6.59 1.47 -15.76
N PHE A 143 6.13 2.60 -16.29
CA PHE A 143 4.76 3.06 -16.03
C PHE A 143 3.76 1.95 -16.26
N GLY A 144 3.87 1.31 -17.42
CA GLY A 144 2.98 0.22 -17.79
C GLY A 144 3.09 -0.91 -16.78
N ASP A 145 4.30 -1.46 -16.65
CA ASP A 145 4.49 -2.62 -15.79
C ASP A 145 3.98 -2.41 -14.38
N PHE A 146 4.26 -1.26 -13.80
CA PHE A 146 3.84 -1.02 -12.42
C PHE A 146 2.31 -1.05 -12.26
N GLU A 147 1.57 -0.75 -13.32
CA GLU A 147 0.10 -0.81 -13.20
C GLU A 147 -0.46 -2.23 -13.35
N LYS A 148 0.38 -3.17 -13.74
CA LYS A 148 -0.03 -4.57 -13.81
C LYS A 148 -0.10 -5.24 -12.43
N ARG A 149 -0.96 -6.24 -12.30
CA ARG A 149 -1.00 -7.02 -11.08
C ARG A 149 0.02 -8.14 -11.17
N ILE A 150 0.37 -8.74 -10.02
CA ILE A 150 1.27 -9.88 -9.98
C ILE A 150 0.48 -11.09 -9.50
N PRO A 151 0.19 -12.04 -10.41
CA PRO A 151 -0.63 -13.20 -10.04
C PRO A 151 0.12 -14.06 -9.02
N ARG A 152 -0.58 -14.61 -8.03
CA ARG A 152 0.08 -15.34 -6.95
C ARG A 152 1.17 -16.30 -7.46
N GLU A 153 0.89 -16.98 -8.57
CA GLU A 153 1.82 -17.98 -9.10
C GLU A 153 3.22 -17.40 -9.33
N GLU A 154 3.29 -16.14 -9.77
CA GLU A 154 4.58 -15.48 -9.93
C GLU A 154 5.10 -14.94 -8.60
N MET A 155 4.19 -14.56 -7.72
CA MET A 155 4.57 -14.15 -6.38
C MET A 155 5.35 -15.27 -5.69
N LEU A 156 4.84 -16.49 -5.78
CA LEU A 156 5.50 -17.66 -5.16
C LEU A 156 6.84 -17.87 -5.84
N GLN A 157 6.87 -17.68 -7.14
CA GLN A 157 8.10 -17.77 -7.91
C GLN A 157 9.11 -16.69 -7.49
N MET A 158 8.61 -15.56 -7.00
CA MET A 158 9.50 -14.51 -6.55
C MET A 158 9.92 -14.85 -5.12
N GLN A 159 8.93 -15.20 -4.31
CA GLN A 159 9.18 -15.73 -2.97
C GLN A 159 10.35 -16.69 -2.98
N ASP A 160 10.28 -17.72 -3.82
CA ASP A 160 11.29 -18.78 -3.81
C ASP A 160 12.69 -18.22 -4.07
N ILE A 161 12.79 -17.33 -5.05
CA ILE A 161 14.06 -16.73 -5.44
C ILE A 161 14.64 -15.84 -4.35
N VAL A 162 13.78 -15.17 -3.60
CA VAL A 162 14.24 -14.23 -2.58
C VAL A 162 14.70 -14.95 -1.32
N LEU A 163 13.92 -15.93 -0.84
CA LEU A 163 14.36 -16.69 0.33
C LEU A 163 15.67 -17.40 0.02
N ASN A 164 15.74 -17.99 -1.18
CA ASN A 164 16.93 -18.71 -1.60
C ASN A 164 18.17 -17.83 -1.60
N GLU A 165 18.08 -16.67 -2.26
CA GLU A 165 19.22 -15.76 -2.33
C GLU A 165 19.63 -15.25 -0.96
N VAL A 166 18.65 -15.06 -0.09
CA VAL A 166 18.92 -14.63 1.27
C VAL A 166 19.67 -15.71 2.06
N LYS A 167 19.19 -16.95 2.01
CA LYS A 167 19.88 -18.08 2.63
C LYS A 167 21.36 -18.02 2.27
N LYS A 168 21.62 -18.02 0.97
CA LYS A 168 22.96 -17.86 0.39
C LYS A 168 23.83 -16.77 1.03
N VAL A 169 23.20 -15.76 1.61
CA VAL A 169 23.94 -14.70 2.28
C VAL A 169 24.26 -15.12 3.71
N ASP A 170 23.28 -15.79 4.33
CA ASP A 170 23.37 -16.06 5.74
C ASP A 170 22.18 -16.96 6.05
N SER A 171 22.49 -18.12 6.63
CA SER A 171 21.48 -19.12 6.89
C SER A 171 20.59 -18.60 8.02
N GLU A 172 21.09 -17.65 8.79
CA GLU A 172 20.31 -17.14 9.92
C GLU A 172 19.32 -16.00 9.56
N TYR A 173 19.35 -15.53 8.32
CA TYR A 173 18.28 -14.63 7.88
C TYR A 173 16.96 -15.36 7.87
N ILE A 174 15.89 -14.61 8.10
CA ILE A 174 14.55 -15.12 7.89
C ILE A 174 13.77 -14.04 7.15
N ALA A 175 13.30 -14.35 5.94
CA ALA A 175 12.46 -13.41 5.20
C ALA A 175 11.03 -13.91 5.10
N THR A 176 10.09 -13.07 5.52
CA THR A 176 8.67 -13.34 5.41
C THR A 176 8.09 -12.40 4.36
N VAL A 177 7.57 -12.92 3.25
CA VAL A 177 6.85 -12.07 2.29
C VAL A 177 5.54 -11.66 2.94
N CYS A 178 5.28 -10.36 3.06
CA CYS A 178 4.03 -9.94 3.69
C CYS A 178 3.22 -9.15 2.66
N GLY A 179 2.36 -8.25 3.12
CA GLY A 179 1.53 -7.51 2.20
C GLY A 179 0.39 -8.43 1.79
N SER A 180 -0.26 -8.12 0.66
CA SER A 180 -1.45 -8.83 0.25
C SER A 180 -1.20 -10.31 -0.02
N PHE A 181 0.02 -10.64 -0.42
CA PHE A 181 0.42 -12.03 -0.54
C PHE A 181 0.08 -12.76 0.76
N ARG A 182 0.53 -12.22 1.89
CA ARG A 182 0.27 -12.86 3.19
C ARG A 182 -1.21 -12.96 3.53
N ARG A 183 -2.02 -12.04 3.02
CA ARG A 183 -3.46 -12.08 3.25
C ARG A 183 -4.10 -13.12 2.33
N GLY A 184 -3.25 -13.81 1.55
CA GLY A 184 -3.72 -14.88 0.68
C GLY A 184 -4.34 -14.44 -0.64
N ALA A 185 -4.03 -13.22 -1.08
CA ALA A 185 -4.63 -12.67 -2.30
C ALA A 185 -4.20 -13.42 -3.57
N GLU A 186 -5.13 -13.54 -4.52
CA GLU A 186 -4.85 -14.24 -5.78
C GLU A 186 -3.90 -13.45 -6.68
N SER A 187 -3.72 -12.17 -6.37
CA SER A 187 -2.76 -11.33 -7.08
C SER A 187 -2.40 -10.14 -6.19
N SER A 188 -1.16 -9.66 -6.31
CA SER A 188 -0.71 -8.54 -5.49
C SER A 188 -0.24 -7.40 -6.37
N GLY A 189 -0.17 -6.20 -5.79
CA GLY A 189 0.38 -5.06 -6.51
C GLY A 189 1.89 -5.10 -6.58
N ASP A 190 2.52 -5.72 -5.58
CA ASP A 190 3.98 -5.74 -5.48
C ASP A 190 4.45 -6.83 -4.52
N MET A 191 5.77 -6.91 -4.32
CA MET A 191 6.31 -7.82 -3.33
C MET A 191 6.90 -7.08 -2.12
N ASP A 192 6.29 -7.34 -1.04
CA ASP A 192 6.75 -6.75 0.21
C ASP A 192 7.50 -7.83 1.02
N VAL A 193 8.79 -7.54 1.53
CA VAL A 193 9.62 -8.55 2.17
C VAL A 193 10.07 -8.08 3.54
N LEU A 194 9.63 -8.80 4.57
CA LEU A 194 10.03 -8.49 5.95
C LEU A 194 11.24 -9.34 6.32
N LEU A 195 12.33 -8.66 6.65
CA LEU A 195 13.63 -9.31 6.88
C LEU A 195 14.11 -9.12 8.32
N THR A 196 14.55 -10.22 8.93
CA THR A 196 15.13 -10.17 10.28
C THR A 196 16.42 -10.98 10.32
N HIS A 197 17.21 -10.75 11.37
CA HIS A 197 18.48 -11.44 11.58
C HIS A 197 18.95 -11.30 13.02
N PRO A 198 19.54 -12.39 13.57
CA PRO A 198 19.87 -12.45 15.00
C PRO A 198 20.88 -11.40 15.40
N SER A 199 21.75 -11.02 14.47
CA SER A 199 22.72 -9.95 14.68
C SER A 199 22.06 -8.61 14.99
N PHE A 200 20.78 -8.45 14.63
CA PHE A 200 20.13 -7.13 14.68
C PHE A 200 18.83 -7.12 15.51
N THR A 201 18.84 -6.39 16.63
CA THR A 201 17.66 -6.20 17.48
C THR A 201 17.55 -4.75 17.92
N SER A 202 16.58 -4.46 18.79
CA SER A 202 16.46 -3.12 19.37
C SER A 202 17.74 -2.69 20.08
N GLU A 203 18.27 -3.57 20.92
CA GLU A 203 19.54 -3.33 21.62
C GLU A 203 20.70 -3.24 20.63
N SER A 204 20.65 -4.05 19.57
CA SER A 204 21.70 -4.05 18.56
C SER A 204 21.56 -2.86 17.62
N LYS A 209 26.21 -3.62 7.32
CA LYS A 209 25.18 -3.44 6.30
C LYS A 209 24.42 -4.72 5.99
N LEU A 210 23.53 -5.13 6.88
CA LEU A 210 22.72 -6.32 6.66
C LEU A 210 21.83 -6.20 5.42
N LEU A 211 21.20 -5.04 5.24
CA LEU A 211 20.29 -4.84 4.10
C LEU A 211 21.06 -4.71 2.79
N HIS A 212 22.13 -3.93 2.81
CA HIS A 212 22.96 -3.76 1.63
C HIS A 212 23.42 -5.11 1.08
N GLN A 213 23.66 -6.07 1.96
CA GLN A 213 24.21 -7.36 1.53
C GLN A 213 23.14 -8.22 0.87
N VAL A 214 21.92 -8.13 1.40
CA VAL A 214 20.81 -8.83 0.80
C VAL A 214 20.54 -8.21 -0.56
N VAL A 215 20.41 -6.89 -0.59
CA VAL A 215 20.17 -6.18 -1.85
C VAL A 215 21.26 -6.53 -2.88
N GLU A 216 22.51 -6.37 -2.49
CA GLU A 216 23.64 -6.65 -3.38
C GLU A 216 23.55 -8.05 -3.99
N GLN A 217 23.27 -9.04 -3.16
CA GLN A 217 23.11 -10.42 -3.65
C GLN A 217 21.97 -10.53 -4.68
N LEU A 218 20.84 -9.90 -4.39
CA LEU A 218 19.67 -9.91 -5.27
C LEU A 218 19.94 -9.18 -6.57
N GLN A 219 20.84 -8.21 -6.52
CA GLN A 219 21.26 -7.50 -7.71
C GLN A 219 22.16 -8.35 -8.58
N LYS A 220 22.90 -9.27 -7.96
CA LYS A 220 23.89 -10.07 -8.66
C LYS A 220 23.27 -11.17 -9.52
N VAL A 221 22.23 -11.82 -9.00
CA VAL A 221 21.48 -12.78 -9.80
C VAL A 221 20.46 -12.06 -10.68
N HIS A 222 20.59 -10.73 -10.74
CA HIS A 222 19.78 -9.90 -11.61
C HIS A 222 18.27 -9.92 -11.30
N PHE A 223 17.90 -10.34 -10.09
CA PHE A 223 16.52 -10.20 -9.65
C PHE A 223 16.17 -8.71 -9.53
N ILE A 224 16.90 -7.98 -8.69
CA ILE A 224 16.68 -6.54 -8.53
C ILE A 224 17.37 -5.73 -9.64
N THR A 225 16.59 -4.90 -10.34
CA THR A 225 17.05 -4.20 -11.55
C THR A 225 17.23 -2.69 -11.39
N ASP A 226 16.53 -2.09 -10.42
CA ASP A 226 16.64 -0.64 -10.19
C ASP A 226 16.38 -0.31 -8.72
N THR A 227 16.95 0.80 -8.26
CA THR A 227 16.76 1.25 -6.89
C THR A 227 15.95 2.55 -6.86
N LEU A 228 14.88 2.56 -6.05
CA LEU A 228 14.09 3.78 -5.83
C LEU A 228 14.62 4.53 -4.62
N SER A 229 14.87 3.78 -3.55
CA SER A 229 15.36 4.37 -2.32
C SER A 229 16.04 3.27 -1.51
N LYS A 230 17.14 3.59 -0.83
CA LYS A 230 17.79 2.60 0.02
C LYS A 230 18.38 3.19 1.31
N GLY A 231 18.07 2.54 2.43
CA GLY A 231 18.54 2.99 3.72
C GLY A 231 18.95 1.81 4.58
N GLU A 232 19.09 2.04 5.87
CA GLU A 232 19.61 1.02 6.75
C GLU A 232 18.54 -0.01 7.03
N THR A 233 17.28 0.35 6.79
CA THR A 233 16.18 -0.55 7.13
C THR A 233 15.17 -0.79 6.02
N LYS A 234 15.16 0.08 5.02
CA LYS A 234 14.18 -0.06 3.95
C LYS A 234 14.84 0.08 2.58
N PHE A 235 14.51 -0.86 1.70
CA PHE A 235 14.87 -0.80 0.29
C PHE A 235 13.59 -0.79 -0.53
N MET A 236 13.52 0.11 -1.51
CA MET A 236 12.40 0.20 -2.43
C MET A 236 12.98 0.19 -3.84
N GLY A 237 12.61 -0.81 -4.64
CA GLY A 237 13.25 -0.94 -5.92
C GLY A 237 12.40 -1.73 -6.87
N VAL A 238 13.03 -2.18 -7.95
CA VAL A 238 12.33 -2.89 -8.99
C VAL A 238 12.95 -4.26 -9.16
N CYS A 239 12.12 -5.27 -9.41
CA CYS A 239 12.65 -6.60 -9.68
C CYS A 239 11.95 -7.24 -10.86
N GLN A 240 12.40 -8.43 -11.21
CA GLN A 240 11.91 -9.11 -12.40
C GLN A 240 12.31 -10.58 -12.43
N LEU A 241 11.32 -11.45 -12.56
CA LEU A 241 11.58 -12.88 -12.79
C LEU A 241 12.27 -13.08 -14.12
N PRO A 242 13.32 -13.92 -14.13
CA PRO A 242 13.95 -14.33 -15.40
C PRO A 242 12.99 -15.18 -16.21
N SER A 243 13.03 -15.06 -17.53
CA SER A 243 12.13 -15.82 -18.40
C SER A 243 12.94 -16.72 -19.34
N LYS A 244 12.24 -17.50 -20.16
CA LYS A 244 12.91 -18.31 -21.19
C LYS A 244 13.90 -17.43 -21.98
N ASN A 245 15.09 -17.96 -22.25
CA ASN A 245 16.11 -17.21 -22.98
C ASN A 245 15.52 -16.58 -24.25
N ASP A 246 14.56 -17.28 -24.85
CA ASP A 246 13.89 -16.80 -26.05
C ASP A 246 12.85 -15.73 -25.71
N GLU A 249 9.82 -11.94 -21.87
CA GLU A 249 10.26 -11.09 -20.77
C GLU A 249 9.09 -10.82 -19.82
N TYR A 250 9.24 -11.19 -18.55
CA TYR A 250 8.25 -10.87 -17.54
C TYR A 250 8.22 -9.35 -17.32
N PRO A 251 7.08 -8.82 -16.87
CA PRO A 251 7.00 -7.38 -16.58
C PRO A 251 7.83 -7.05 -15.35
N HIS A 252 8.37 -5.83 -15.27
CA HIS A 252 9.12 -5.40 -14.08
C HIS A 252 8.18 -5.11 -12.92
N ARG A 253 8.62 -5.45 -11.71
CA ARG A 253 7.76 -5.33 -10.53
C ARG A 253 8.40 -4.53 -9.41
N ARG A 254 7.55 -3.93 -8.60
CA ARG A 254 8.01 -3.22 -7.44
C ARG A 254 8.24 -4.19 -6.31
N ILE A 255 9.38 -4.05 -5.65
CA ILE A 255 9.68 -4.83 -4.46
C ILE A 255 10.13 -3.88 -3.37
N ASP A 256 9.71 -4.16 -2.16
CA ASP A 256 10.04 -3.37 -1.01
C ASP A 256 10.62 -4.34 0.03
N ILE A 257 11.80 -4.07 0.60
CA ILE A 257 12.37 -4.93 1.62
C ILE A 257 12.59 -4.11 2.88
N ARG A 258 12.05 -4.59 3.99
CA ARG A 258 12.19 -3.91 5.28
C ARG A 258 13.04 -4.78 6.23
N LEU A 259 14.13 -4.22 6.74
CA LEU A 259 14.93 -4.90 7.74
C LEU A 259 14.38 -4.52 9.12
N ILE A 260 13.96 -5.52 9.90
CA ILE A 260 13.38 -5.22 11.21
C ILE A 260 14.11 -5.92 12.36
N PRO A 261 14.20 -5.26 13.52
CA PRO A 261 14.93 -5.88 14.63
C PRO A 261 14.24 -7.16 15.08
N LYS A 262 14.99 -8.27 15.10
CA LYS A 262 14.44 -9.59 15.41
C LYS A 262 13.40 -9.59 16.53
N ASP A 263 13.66 -8.90 17.63
CA ASP A 263 12.74 -8.96 18.76
C ASP A 263 11.50 -8.12 18.53
N GLN A 264 11.32 -7.64 17.30
CA GLN A 264 10.17 -6.80 16.95
C GLN A 264 9.49 -7.34 15.69
N TYR A 265 9.85 -8.57 15.33
CA TYR A 265 9.30 -9.24 14.16
C TYR A 265 7.77 -9.21 14.11
N TYR A 266 7.11 -9.61 15.20
CA TYR A 266 5.65 -9.76 15.19
C TYR A 266 4.88 -8.44 15.02
N CYS A 267 5.38 -7.35 15.60
CA CYS A 267 4.81 -6.04 15.29
C CYS A 267 5.11 -5.70 13.84
N GLY A 268 6.36 -5.85 13.43
CA GLY A 268 6.76 -5.58 12.06
C GLY A 268 5.85 -6.29 11.08
N VAL A 269 5.69 -7.59 11.28
CA VAL A 269 4.90 -8.39 10.34
C VAL A 269 3.40 -8.06 10.41
N LEU A 270 2.94 -7.59 11.56
CA LEU A 270 1.56 -7.09 11.66
C LEU A 270 1.39 -5.86 10.75
N TYR A 271 2.13 -4.80 11.06
CA TYR A 271 2.18 -3.63 10.20
C TYR A 271 2.22 -4.04 8.72
N PHE A 272 3.30 -4.73 8.35
CA PHE A 272 3.64 -4.98 6.95
C PHE A 272 2.62 -5.86 6.22
N THR A 273 1.86 -6.68 6.95
CA THR A 273 0.82 -7.52 6.32
C THR A 273 -0.44 -6.71 5.95
N GLY A 274 -0.67 -5.61 6.67
CA GLY A 274 -1.81 -4.75 6.39
C GLY A 274 -3.14 -5.38 6.76
N SER A 275 -4.22 -4.91 6.12
CA SER A 275 -4.15 -3.88 5.09
C SER A 275 -3.90 -2.50 5.69
N ASP A 276 -3.65 -1.52 4.83
CA ASP A 276 -3.43 -0.15 5.30
C ASP A 276 -4.58 0.29 6.20
N ILE A 277 -5.80 -0.10 5.82
CA ILE A 277 -6.98 0.31 6.57
C ILE A 277 -7.12 -0.52 7.84
N PHE A 278 -6.74 -1.79 7.76
CA PHE A 278 -6.67 -2.61 8.96
C PHE A 278 -5.78 -1.93 10.00
N ASN A 279 -4.56 -1.58 9.56
CA ASN A 279 -3.60 -0.90 10.42
C ASN A 279 -4.16 0.40 11.03
N LYS A 280 -4.88 1.18 10.23
CA LYS A 280 -5.46 2.42 10.74
C LYS A 280 -6.62 2.16 11.71
N ASN A 281 -7.44 1.16 11.39
CA ASN A 281 -8.52 0.72 12.27
C ASN A 281 -8.02 0.10 13.56
N MET A 282 -6.84 -0.51 13.49
CA MET A 282 -6.21 -1.13 14.65
C MET A 282 -5.55 -0.10 15.55
N LYS A 283 -4.70 0.74 14.96
CA LYS A 283 -4.00 1.77 15.72
C LYS A 283 -5.00 2.72 16.36
N ALA A 284 -6.11 2.94 15.68
CA ALA A 284 -7.20 3.73 16.25
C ALA A 284 -7.81 2.98 17.43
N HIS A 285 -8.36 1.80 17.12
CA HIS A 285 -9.00 0.96 18.12
C HIS A 285 -8.04 0.37 19.14
N ALA A 286 -6.85 0.93 19.21
CA ALA A 286 -5.89 0.61 20.26
C ALA A 286 -5.51 1.91 20.94
N LEU A 287 -5.54 2.98 20.16
CA LEU A 287 -5.41 4.33 20.68
C LEU A 287 -6.50 4.57 21.71
N GLU A 288 -7.65 3.93 21.52
CA GLU A 288 -8.72 3.99 22.48
C GLU A 288 -8.26 3.36 23.78
N LYS A 289 -7.81 2.10 23.67
CA LYS A 289 -7.51 1.26 24.85
C LYS A 289 -6.25 1.65 25.61
N GLY A 290 -5.55 2.68 25.16
CA GLY A 290 -4.34 3.12 25.81
C GLY A 290 -3.07 2.46 25.27
N PHE A 291 -3.06 2.21 23.96
CA PHE A 291 -1.91 1.63 23.28
C PHE A 291 -1.56 2.46 22.05
N THR A 292 -0.28 2.45 21.69
CA THR A 292 0.14 3.02 20.42
C THR A 292 0.88 1.95 19.62
N ILE A 293 0.26 1.48 18.54
CA ILE A 293 0.85 0.44 17.71
C ILE A 293 1.57 1.02 16.51
N ASN A 294 2.89 0.92 16.47
CA ASN A 294 3.60 1.17 15.21
C ASN A 294 4.27 -0.10 14.70
N GLU A 295 4.99 0.01 13.58
CA GLU A 295 5.57 -1.17 12.93
C GLU A 295 6.62 -1.85 13.80
N TYR A 296 6.90 -1.27 14.96
N TYR A 296 6.90 -1.27 14.96
CA TYR A 296 7.93 -1.81 15.83
CA TYR A 296 7.93 -1.82 15.83
C TYR A 296 7.36 -2.33 17.15
C TYR A 296 7.37 -2.34 17.15
N THR A 297 6.79 -1.44 17.93
CA THR A 297 6.35 -1.78 19.29
C THR A 297 4.83 -1.69 19.45
N ILE A 298 4.37 -1.99 20.65
CA ILE A 298 3.06 -1.56 21.12
C ILE A 298 3.21 -1.05 22.54
N ARG A 299 3.00 0.25 22.73
CA ARG A 299 3.20 0.87 24.02
C ARG A 299 1.88 1.25 24.69
N PRO A 300 1.89 1.36 26.03
CA PRO A 300 0.74 1.74 26.84
C PRO A 300 0.60 3.26 26.93
N LEU A 301 -0.61 3.73 27.13
CA LEU A 301 -0.90 5.16 27.20
C LEU A 301 -0.74 5.70 28.62
N ALA A 307 2.92 7.78 27.67
CA ALA A 307 3.15 6.60 26.84
C ALA A 307 4.50 6.72 26.14
N GLY A 308 5.34 5.71 26.32
CA GLY A 308 5.05 4.59 27.20
C GLY A 308 6.21 3.60 27.20
N GLU A 309 5.92 2.33 27.45
CA GLU A 309 6.96 1.31 27.42
C GLU A 309 6.58 0.04 26.64
N PRO A 310 7.47 -0.39 25.73
CA PRO A 310 7.16 -1.49 24.80
C PRO A 310 6.86 -2.80 25.52
N LEU A 311 5.60 -3.22 25.45
CA LEU A 311 5.14 -4.47 26.05
C LEU A 311 5.74 -5.66 25.32
N PRO A 312 5.81 -6.82 26.01
CA PRO A 312 6.29 -8.07 25.43
C PRO A 312 5.40 -8.54 24.29
N VAL A 313 5.94 -8.62 23.07
CA VAL A 313 5.23 -9.23 21.94
C VAL A 313 5.83 -10.61 21.64
N ASP A 314 5.01 -11.60 21.30
CA ASP A 314 5.64 -12.90 21.14
C ASP A 314 4.93 -13.64 20.02
N SER A 315 3.83 -13.04 19.57
CA SER A 315 3.04 -13.54 18.45
C SER A 315 2.25 -12.37 17.93
N GLU A 316 1.62 -12.52 16.75
CA GLU A 316 0.67 -11.51 16.27
C GLU A 316 -0.57 -11.50 17.17
N LYS A 317 -1.02 -12.70 17.52
CA LYS A 317 -2.17 -12.87 18.39
C LYS A 317 -1.95 -12.10 19.69
N ASP A 318 -0.68 -11.97 20.09
CA ASP A 318 -0.32 -11.22 21.28
C ASP A 318 -0.82 -9.77 21.23
N ILE A 319 -0.61 -9.13 20.09
CA ILE A 319 -1.07 -7.75 19.89
C ILE A 319 -2.60 -7.67 19.99
N PHE A 320 -3.28 -8.63 19.37
CA PHE A 320 -4.71 -8.64 19.38
C PHE A 320 -5.21 -8.83 20.79
N ASP A 321 -4.65 -9.78 21.52
CA ASP A 321 -5.05 -9.94 22.90
C ASP A 321 -5.12 -8.60 23.63
N TYR A 322 -4.01 -7.88 23.70
CA TYR A 322 -3.99 -6.58 24.33
C TYR A 322 -5.23 -5.67 24.03
N ILE A 323 -5.49 -5.33 22.77
CA ILE A 323 -6.46 -4.31 22.40
C ILE A 323 -7.86 -4.91 22.35
N GLN A 324 -7.98 -6.15 22.80
CA GLN A 324 -9.26 -6.80 22.86
C GLN A 324 -9.86 -7.01 21.49
N TRP A 325 -9.09 -7.59 20.58
CA TRP A 325 -9.61 -7.96 19.26
C TRP A 325 -9.63 -9.47 19.08
N LYS A 326 -10.75 -10.02 18.64
CA LYS A 326 -10.75 -11.43 18.24
C LYS A 326 -9.71 -11.60 17.13
N TYR A 327 -8.68 -12.40 17.40
CA TYR A 327 -7.59 -12.57 16.45
C TYR A 327 -8.13 -12.82 15.05
N ARG A 328 -7.81 -11.93 14.12
CA ARG A 328 -8.19 -12.11 12.73
C ARG A 328 -7.00 -12.68 11.96
N GLU A 329 -7.25 -13.67 11.11
CA GLU A 329 -6.20 -14.24 10.28
C GLU A 329 -5.82 -13.24 9.17
N PRO A 330 -4.63 -13.41 8.58
CA PRO A 330 -4.15 -12.49 7.55
C PRO A 330 -5.14 -12.37 6.40
N LYS A 331 -5.73 -13.50 6.00
CA LYS A 331 -6.73 -13.50 4.93
C LYS A 331 -7.99 -12.70 5.29
N ASP A 332 -8.09 -12.27 6.54
CA ASP A 332 -9.28 -11.57 7.01
C ASP A 332 -9.05 -10.09 7.37
N ARG A 333 -7.82 -9.61 7.19
CA ARG A 333 -7.47 -8.23 7.55
C ARG A 333 -7.51 -7.29 6.34
N SER A 334 -8.08 -7.79 5.25
CA SER A 334 -8.16 -7.03 4.00
C SER A 334 -9.34 -6.06 4.00
N GLU A 335 -9.17 -4.93 4.68
CA GLU A 335 -10.23 -3.92 4.74
C GLU A 335 -9.84 -2.59 4.11
P 8OG D 6 -6.70 8.24 13.78
OP1 8OG D 6 -7.48 7.96 12.48
OP2 8OG D 6 -7.75 8.31 14.89
O5' 8OG D 6 -5.60 7.18 14.08
C5' 8OG D 6 -4.51 7.15 13.23
C4' 8OG D 6 -3.47 6.19 13.74
O4' 8OG D 6 -3.21 5.34 12.66
C3' 8OG D 6 -2.23 6.94 14.15
O3' 8OG D 6 -1.86 6.11 15.25
C2' 8OG D 6 -1.45 7.06 12.91
C1' 8OG D 6 -2.02 5.89 12.17
N9 8OG D 6 -2.08 6.04 10.74
C8 8OG D 6 -2.71 7.03 9.97
N7 8OG D 6 -2.49 6.72 8.66
C5 8OG D 6 -1.75 5.58 8.57
C6 8OG D 6 -1.22 4.82 7.51
O6 8OG D 6 -1.44 5.19 6.19
N1 8OG D 6 -0.51 3.71 7.76
C2 8OG D 6 -0.30 3.32 9.02
N2 8OG D 6 0.47 2.11 9.26
N3 8OG D 6 -0.77 4.01 10.07
C4 8OG D 6 -1.48 5.13 9.87
O8 8OG D 6 -3.42 8.11 10.41
N1 6CF E . 0.91 0.15 4.83
P1 6CF E . 1.72 -1.76 0.03
C2 6CF E . 0.48 1.01 5.85
O2 6CF E . 0.60 0.58 7.15
P2 6CF E . -0.43 -3.87 0.00
N3 6CF E . -0.07 2.31 5.56
P3 6CF E . -0.73 -4.46 -2.58
C4 6CF E . -0.20 2.73 4.24
N4 6CF E . -0.74 4.00 3.87
C5 6CF E . 0.25 1.82 3.24
C6 6CF E . 0.78 0.58 3.50
C1' 6CF E . 1.46 -1.16 5.16
F1A 6CF E . -0.72 -1.45 0.57
O1A 6CF E . 2.11 -0.30 -0.37
O1B 6CF E . 0.89 -4.69 0.19
O1G 6CF E . -1.43 -3.63 -3.61
C2' 6CF E . 0.33 -2.17 5.20
F2A 6CF E . -0.39 -1.77 -1.60
O2A 6CF E . 2.78 -2.72 -0.59
O2B 6CF E . -1.23 -3.91 1.34
O2G 6CF E . 0.67 -3.96 -2.58
C3' 6CF E . 0.61 -2.90 3.92
O3' 6CF E . 0.23 -4.22 4.00
C3A 6CF E . -0.03 -2.12 -0.35
O3B 6CF E . -1.33 -4.44 -1.14
O3G 6CF E . -0.67 -5.83 -3.21
C4' 6CF E . 2.07 -2.79 3.71
O4' 6CF E . 2.42 -1.57 4.25
C5' 6CF E . 2.39 -2.86 2.23
O5' 6CF E . 1.74 -1.82 1.60
MN MN F . 4.85 -2.44 -1.10
MN MN G . 2.24 -4.56 -1.29
MN MN H . -28.69 -6.51 8.73
MN MN I . 4.60 -17.21 23.10
NA NA J . 2.54 8.78 -7.97
NA NA K . -22.24 13.58 16.66
MN MN L . 17.79 16.28 6.86
MN MN M . -14.66 21.93 10.53
MN MN N . 20.31 25.92 -5.35
#